data_3U9Q
#
_entry.id   3U9Q
#
_cell.length_a   43.726
_cell.length_b   54.346
_cell.length_c   66.809
_cell.angle_alpha   90.000
_cell.angle_beta   107.520
_cell.angle_gamma   90.000
#
_symmetry.space_group_name_H-M   'P 1 21 1'
#
loop_
_entity.id
_entity.type
_entity.pdbx_description
1 polymer 'Peroxisome proliferator-activated receptor gamma'
2 polymer 'PGC-1a peptide'
3 non-polymer 'DECANOIC ACID'
4 water water
#
loop_
_entity_poly.entity_id
_entity_poly.type
_entity_poly.pdbx_seq_one_letter_code
_entity_poly.pdbx_strand_id
1 'polypeptide(L)'
;SADLRALAKHLYDSYIKSFPLTKAKARAILTGKTTDKSPFVIYDMNSLMMGEDKIKFKHITPLQEQSKEVAIRIFQGCQF
RSVEAVQEITEYAKSIPGFVNLDLNDQVTLLKYGVHEIIYTMLASLMNKDGVLISEGQGFMTREFLKSLRKPFGDFMEPK
FEFAVKFNALELDDSDLAIFIAVIILSGDRPGLLNVKPIEDIQDNLLQALELQLKLNHPESSQLFAKLLQKMTDLRQIVT
EHVQLLQVIKKTETDMSLHPLLQEIYKDL
;
A
2 'polypeptide(L)' SLLKKLLLA B
#
loop_
_chem_comp.id
_chem_comp.type
_chem_comp.name
_chem_comp.formula
DKA non-polymer 'DECANOIC ACID' 'C10 H20 O2'
#
# COMPACT_ATOMS: atom_id res chain seq x y z
N SER A 1 25.08 -5.28 -14.38
CA SER A 1 24.64 -4.31 -13.36
C SER A 1 24.08 -3.00 -13.92
N ALA A 2 24.65 -2.52 -15.04
CA ALA A 2 24.16 -1.28 -15.59
C ALA A 2 22.69 -1.39 -15.97
N ASP A 3 22.26 -2.52 -16.55
CA ASP A 3 20.88 -2.71 -16.88
C ASP A 3 20.01 -2.77 -15.63
N LEU A 4 20.55 -3.33 -14.53
CA LEU A 4 19.80 -3.31 -13.26
C LEU A 4 19.56 -1.89 -12.74
N ARG A 5 20.54 -0.99 -12.92
CA ARG A 5 20.35 0.39 -12.48
C ARG A 5 19.36 1.12 -13.40
N ALA A 6 19.41 0.83 -14.71
CA ALA A 6 18.45 1.45 -15.61
C ALA A 6 17.01 0.97 -15.28
N LEU A 7 16.86 -0.31 -14.91
CA LEU A 7 15.58 -0.81 -14.50
C LEU A 7 15.12 -0.11 -13.22
N ALA A 8 16.01 0.01 -12.22
CA ALA A 8 15.67 0.73 -10.98
C ALA A 8 15.19 2.15 -11.29
N LYS A 9 15.90 2.86 -12.17
CA LYS A 9 15.50 4.23 -12.53
C LYS A 9 14.17 4.30 -13.24
N HIS A 10 13.95 3.38 -14.18
CA HIS A 10 12.67 3.29 -14.87
C HIS A 10 11.51 3.12 -13.88
N LEU A 11 11.70 2.22 -12.92
CA LEU A 11 10.66 1.98 -11.92
C LEU A 11 10.44 3.21 -11.05
N TYR A 12 11.51 3.91 -10.66
CA TYR A 12 11.32 5.10 -9.88
C TYR A 12 10.56 6.15 -10.69
N ASP A 13 10.92 6.33 -11.96
CA ASP A 13 10.24 7.37 -12.76
C ASP A 13 8.77 7.00 -12.87
N SER A 14 8.48 5.72 -12.99
CA SER A 14 7.09 5.29 -13.17
C SER A 14 6.32 5.42 -11.85
N TYR A 15 6.98 5.19 -10.72
CA TYR A 15 6.40 5.37 -9.43
C TYR A 15 6.04 6.85 -9.21
N ILE A 16 6.93 7.76 -9.61
CA ILE A 16 6.64 9.20 -9.46
C ILE A 16 5.44 9.59 -10.33
N LYS A 17 5.31 8.96 -11.48
CA LYS A 17 4.14 9.27 -12.34
C LYS A 17 2.83 8.71 -11.80
N SER A 18 2.89 7.58 -11.09
CA SER A 18 1.71 6.87 -10.66
C SER A 18 1.15 7.30 -9.31
N PHE A 19 2.02 7.77 -8.42
CA PHE A 19 1.66 8.01 -7.03
C PHE A 19 1.84 9.48 -6.69
N PRO A 20 0.73 10.24 -6.60
CA PRO A 20 0.95 11.67 -6.36
C PRO A 20 1.57 12.06 -5.02
N LEU A 21 1.32 11.29 -3.97
CA LEU A 21 1.97 11.57 -2.69
C LEU A 21 3.05 10.51 -2.41
N THR A 22 4.29 10.93 -2.60
CA THR A 22 5.47 10.05 -2.41
C THR A 22 5.87 10.08 -0.95
N LYS A 23 6.77 9.18 -0.57
CA LYS A 23 7.33 9.19 0.77
C LYS A 23 8.11 10.46 1.04
N ALA A 24 8.91 10.93 0.07
CA ALA A 24 9.67 12.16 0.30
C ALA A 24 8.71 13.30 0.66
N LYS A 25 7.61 13.43 -0.09
CA LYS A 25 6.64 14.53 0.18
C LYS A 25 5.92 14.30 1.51
N ALA A 26 5.57 13.04 1.80
CA ALA A 26 4.90 12.77 3.06
C ALA A 26 5.76 13.05 4.28
N ARG A 27 7.05 12.69 4.22
CA ARG A 27 7.93 12.87 5.38
C ARG A 27 8.15 14.36 5.64
N ALA A 28 8.20 15.14 4.55
CA ALA A 28 8.31 16.61 4.63
C ALA A 28 7.11 17.19 5.39
N ILE A 29 5.91 16.73 5.06
CA ILE A 29 4.68 17.18 5.74
C ILE A 29 4.72 16.78 7.22
N LEU A 30 5.06 15.52 7.49
CA LEU A 30 5.05 14.95 8.85
C LEU A 30 6.05 15.62 9.79
N THR A 31 7.18 16.05 9.23
CA THR A 31 8.27 16.65 10.00
C THR A 31 8.22 18.18 9.92
N GLY A 32 7.19 18.71 9.28
CA GLY A 32 6.94 20.15 9.18
C GLY A 32 7.98 20.92 8.39
N LYS A 33 8.54 20.28 7.37
CA LYS A 33 9.63 20.90 6.60
C LYS A 33 9.17 21.51 5.28
N THR A 34 7.85 21.63 5.10
CA THR A 34 7.28 22.14 3.87
C THR A 34 6.81 23.59 4.02
N THR A 35 6.65 24.27 2.88
CA THR A 35 6.18 25.66 2.85
C THR A 35 4.69 25.77 3.15
N ASP A 36 3.89 24.94 2.49
CA ASP A 36 2.44 24.96 2.65
C ASP A 36 1.95 24.17 3.88
N LYS A 37 0.75 23.58 3.80
CA LYS A 37 0.12 22.83 4.93
C LYS A 37 -0.10 23.85 6.07
N SER A 38 -0.14 23.47 7.35
CA SER A 38 -0.03 22.11 7.87
C SER A 38 -1.37 21.38 7.73
N PRO A 39 -1.34 20.03 7.82
CA PRO A 39 -2.58 19.27 7.78
C PRO A 39 -3.46 19.55 9.00
N PHE A 40 -4.76 19.39 8.78
CA PHE A 40 -5.72 19.50 9.85
C PHE A 40 -5.68 18.24 10.73
N VAL A 41 -5.51 18.42 12.04
CA VAL A 41 -5.31 17.30 12.93
C VAL A 41 -6.63 16.83 13.51
N ILE A 42 -6.94 15.56 13.30
CA ILE A 42 -8.15 14.95 13.86
C ILE A 42 -7.75 14.02 15.00
N TYR A 43 -8.12 14.39 16.22
CA TYR A 43 -7.62 13.68 17.41
C TYR A 43 -8.74 13.26 18.36
N ASP A 44 -9.96 13.71 18.03
CA ASP A 44 -11.16 13.45 18.85
C ASP A 44 -12.42 13.67 18.02
N MET A 45 -13.59 13.47 18.63
CA MET A 45 -14.83 13.57 17.88
C MET A 45 -15.12 15.00 17.39
N ASN A 46 -14.76 15.94 18.25
CA ASN A 46 -14.98 17.34 17.90
C ASN A 46 -14.12 17.81 16.71
N SER A 47 -12.84 17.42 16.71
CA SER A 47 -11.95 17.82 15.62
C SER A 47 -12.33 17.05 14.34
N LEU A 48 -12.86 15.84 14.49
CA LEU A 48 -13.38 15.13 13.33
C LEU A 48 -14.53 15.88 12.68
N MET A 49 -15.43 16.39 13.52
CA MET A 49 -16.53 17.19 13.03
C MET A 49 -16.02 18.48 12.36
N MET A 50 -15.10 19.17 13.02
CA MET A 50 -14.55 20.41 12.48
C MET A 50 -13.82 20.20 11.17
N GLY A 51 -13.11 19.08 11.06
CA GLY A 51 -12.27 18.82 9.90
C GLY A 51 -12.92 18.04 8.78
N GLU A 52 -14.11 17.47 9.00
CA GLU A 52 -14.73 16.53 8.03
C GLU A 52 -14.73 17.01 6.58
N ASP A 53 -14.74 18.34 6.37
CA ASP A 53 -14.61 18.90 5.01
C ASP A 53 -13.16 18.88 4.48
N LYS A 54 -12.42 17.82 4.83
CA LYS A 54 -11.11 17.47 4.24
C LYS A 54 -10.80 15.97 4.50
N ILE A 55 -11.29 15.06 3.65
CA ILE A 55 -12.16 15.35 2.50
C ILE A 55 -13.63 15.08 2.88
N LYS A 68 -25.71 7.54 10.23
CA LYS A 68 -24.44 6.82 10.12
C LYS A 68 -23.38 7.21 11.14
N GLU A 69 -23.07 6.27 12.03
CA GLU A 69 -22.16 6.51 13.14
C GLU A 69 -20.76 6.75 12.63
N VAL A 70 -19.97 7.44 13.45
CA VAL A 70 -18.63 7.87 13.07
C VAL A 70 -17.74 6.72 12.57
N ALA A 71 -17.73 5.61 13.28
CA ALA A 71 -16.83 4.50 12.90
C ALA A 71 -17.12 4.05 11.47
N ILE A 72 -18.39 4.04 11.09
CA ILE A 72 -18.80 3.57 9.78
C ILE A 72 -18.49 4.61 8.70
N ARG A 73 -18.63 5.90 9.04
CA ARG A 73 -18.28 6.99 8.11
C ARG A 73 -16.78 6.94 7.78
N ILE A 74 -15.97 6.68 8.80
CA ILE A 74 -14.52 6.57 8.60
C ILE A 74 -14.22 5.34 7.75
N PHE A 75 -14.86 4.21 8.07
CA PHE A 75 -14.64 2.98 7.29
C PHE A 75 -14.99 3.20 5.81
N GLN A 76 -16.11 3.87 5.56
CA GLN A 76 -16.48 4.24 4.18
C GLN A 76 -15.45 5.11 3.49
N GLY A 77 -14.98 6.15 4.17
CA GLY A 77 -13.92 7.02 3.61
C GLY A 77 -12.68 6.22 3.24
N CYS A 78 -12.33 5.29 4.12
CA CYS A 78 -11.16 4.48 3.89
C CYS A 78 -11.35 3.58 2.67
N GLN A 79 -12.57 3.08 2.43
CA GLN A 79 -12.80 2.25 1.23
C GLN A 79 -12.50 3.07 -0.02
N PHE A 80 -12.96 4.32 -0.06
CA PHE A 80 -12.75 5.14 -1.25
C PHE A 80 -11.30 5.45 -1.48
N ARG A 81 -10.55 5.64 -0.40
CA ARG A 81 -9.11 5.80 -0.51
C ARG A 81 -8.46 4.53 -1.01
N SER A 82 -8.88 3.38 -0.49
CA SER A 82 -8.37 2.10 -0.97
C SER A 82 -8.62 1.93 -2.48
N VAL A 83 -9.82 2.29 -2.93
CA VAL A 83 -10.16 2.19 -4.36
C VAL A 83 -9.27 3.10 -5.21
N GLU A 84 -9.03 4.33 -4.78
CA GLU A 84 -8.09 5.20 -5.47
C GLU A 84 -6.68 4.59 -5.53
N ALA A 85 -6.25 4.02 -4.40
CA ALA A 85 -4.91 3.41 -4.36
C ALA A 85 -4.85 2.21 -5.31
N VAL A 86 -5.88 1.38 -5.36
CA VAL A 86 -5.87 0.27 -6.34
C VAL A 86 -5.66 0.78 -7.75
N GLN A 87 -6.30 1.87 -8.11
CA GLN A 87 -6.14 2.41 -9.46
C GLN A 87 -4.71 2.91 -9.73
N GLU A 88 -4.11 3.55 -8.73
CA GLU A 88 -2.72 4.03 -8.83
C GLU A 88 -1.75 2.85 -8.97
N ILE A 89 -2.00 1.83 -8.14
CA ILE A 89 -1.13 0.64 -8.15
C ILE A 89 -1.24 -0.11 -9.50
N THR A 90 -2.45 -0.14 -10.07
CA THR A 90 -2.67 -0.80 -11.37
C THR A 90 -1.85 -0.06 -12.45
N GLU A 91 -1.91 1.27 -12.42
CA GLU A 91 -1.09 2.05 -13.38
C GLU A 91 0.39 1.79 -13.23
N TYR A 92 0.84 1.69 -11.97
CA TYR A 92 2.24 1.41 -11.75
C TYR A 92 2.58 -0.01 -12.27
N ALA A 93 1.75 -1.01 -11.96
CA ALA A 93 2.03 -2.37 -12.39
C ALA A 93 2.21 -2.43 -13.92
N LYS A 94 1.40 -1.68 -14.66
CA LYS A 94 1.48 -1.68 -16.14
C LYS A 94 2.77 -1.10 -16.64
N SER A 95 3.48 -0.35 -15.80
CA SER A 95 4.81 0.16 -16.19
C SER A 95 5.97 -0.81 -15.91
N ILE A 96 5.71 -1.91 -15.22
CA ILE A 96 6.81 -2.84 -14.93
C ILE A 96 7.10 -3.61 -16.22
N PRO A 97 8.32 -3.55 -16.73
CA PRO A 97 8.62 -4.26 -17.99
C PRO A 97 8.22 -5.73 -17.98
N GLY A 98 7.46 -6.11 -19.00
CA GLY A 98 6.96 -7.46 -19.14
C GLY A 98 5.54 -7.67 -18.62
N PHE A 99 5.06 -6.81 -17.72
CA PHE A 99 3.80 -7.07 -17.08
C PHE A 99 2.57 -7.06 -18.05
N VAL A 100 2.50 -6.05 -18.93
CA VAL A 100 1.35 -6.04 -19.84
C VAL A 100 1.37 -7.15 -20.87
N ASN A 101 2.51 -7.82 -21.04
CA ASN A 101 2.59 -8.94 -21.97
C ASN A 101 2.20 -10.23 -21.29
N LEU A 102 2.03 -10.26 -19.97
CA LEU A 102 1.52 -11.46 -19.35
C LEU A 102 0.09 -11.72 -19.81
N ASP A 103 -0.30 -12.98 -19.70
CA ASP A 103 -1.71 -13.34 -19.86
C ASP A 103 -2.59 -12.39 -19.02
N LEU A 104 -3.66 -11.87 -19.59
CA LEU A 104 -4.45 -10.87 -18.93
C LEU A 104 -5.09 -11.41 -17.65
N ASN A 105 -5.52 -12.68 -17.64
CA ASN A 105 -6.06 -13.23 -16.41
C ASN A 105 -5.01 -13.32 -15.31
N ASP A 106 -3.76 -13.55 -15.70
CA ASP A 106 -2.69 -13.55 -14.69
C ASP A 106 -2.40 -12.14 -14.17
N GLN A 107 -2.49 -11.11 -15.02
CA GLN A 107 -2.36 -9.73 -14.51
C GLN A 107 -3.44 -9.45 -13.49
N VAL A 108 -4.68 -9.86 -13.76
CA VAL A 108 -5.78 -9.68 -12.81
C VAL A 108 -5.45 -10.39 -11.49
N THR A 109 -5.00 -11.64 -11.55
CA THR A 109 -4.66 -12.40 -10.36
C THR A 109 -3.56 -11.71 -9.53
N LEU A 110 -2.52 -11.22 -10.19
CA LEU A 110 -1.41 -10.55 -9.49
C LEU A 110 -1.95 -9.31 -8.79
N LEU A 111 -2.81 -8.53 -9.44
CA LEU A 111 -3.35 -7.36 -8.74
C LEU A 111 -4.29 -7.77 -7.60
N LYS A 112 -5.19 -8.72 -7.85
CA LYS A 112 -6.16 -9.12 -6.86
C LYS A 112 -5.48 -9.50 -5.55
N TYR A 113 -4.42 -10.29 -5.66
CA TYR A 113 -3.77 -10.83 -4.46
C TYR A 113 -2.61 -10.01 -3.94
N GLY A 114 -2.15 -9.04 -4.70
CA GLY A 114 -1.01 -8.17 -4.36
C GLY A 114 -1.35 -6.75 -3.94
N VAL A 115 -2.47 -6.21 -4.37
CA VAL A 115 -2.68 -4.80 -4.13
C VAL A 115 -2.75 -4.36 -2.65
N HIS A 116 -3.30 -5.17 -1.76
CA HIS A 116 -3.34 -4.74 -0.38
C HIS A 116 -2.01 -4.80 0.28
N GLU A 117 -1.16 -5.74 -0.12
CA GLU A 117 0.19 -5.75 0.44
C GLU A 117 0.90 -4.43 0.04
N ILE A 118 0.68 -3.96 -1.20
CA ILE A 118 1.23 -2.69 -1.64
C ILE A 118 0.58 -1.51 -0.93
N ILE A 119 -0.74 -1.55 -0.75
CA ILE A 119 -1.40 -0.45 0.01
C ILE A 119 -0.76 -0.32 1.43
N TYR A 120 -0.52 -1.43 2.13
CA TYR A 120 0.00 -1.32 3.49
C TYR A 120 1.45 -0.88 3.48
N THR A 121 2.21 -1.28 2.45
CA THR A 121 3.59 -0.82 2.29
C THR A 121 3.61 0.69 2.16
N MET A 122 2.77 1.21 1.26
CA MET A 122 2.77 2.64 0.95
C MET A 122 2.11 3.43 2.06
N LEU A 123 1.17 2.84 2.77
CA LEU A 123 0.55 3.50 3.94
C LEU A 123 1.65 3.80 4.99
N ALA A 124 2.65 2.96 5.14
CA ALA A 124 3.71 3.21 6.12
C ALA A 124 4.40 4.52 5.83
N SER A 125 4.50 4.92 4.56
CA SER A 125 5.15 6.20 4.17
C SER A 125 4.40 7.40 4.74
N LEU A 126 3.12 7.22 4.99
CA LEU A 126 2.23 8.30 5.49
C LEU A 126 2.07 8.28 7.00
N MET A 127 2.72 7.36 7.68
CA MET A 127 2.54 7.14 9.12
C MET A 127 3.74 7.48 9.93
N ASN A 128 3.49 8.01 11.11
CA ASN A 128 4.50 7.97 12.17
C ASN A 128 3.88 7.29 13.39
N LYS A 129 4.57 7.30 14.53
CA LYS A 129 4.15 6.49 15.65
C LYS A 129 2.86 7.07 16.24
N ASP A 130 2.55 8.31 15.86
CA ASP A 130 1.39 9.05 16.41
C ASP A 130 0.17 9.23 15.52
N GLY A 131 0.29 8.90 14.23
CA GLY A 131 -0.88 9.06 13.37
C GLY A 131 -0.52 8.91 11.92
N VAL A 132 -1.49 9.21 11.07
CA VAL A 132 -1.43 8.92 9.63
C VAL A 132 -1.94 10.08 8.81
N LEU A 133 -1.20 10.43 7.76
CA LEU A 133 -1.65 11.45 6.80
C LEU A 133 -2.80 10.94 5.99
N ILE A 134 -3.83 11.76 5.84
CA ILE A 134 -5.01 11.42 5.05
C ILE A 134 -5.34 12.54 4.07
N SER A 135 -6.11 12.21 3.02
CA SER A 135 -6.61 13.20 2.05
C SER A 135 -5.48 13.96 1.34
N GLU A 136 -4.57 13.17 0.77
CA GLU A 136 -3.36 13.63 0.10
C GLU A 136 -2.61 14.65 0.96
N GLY A 137 -2.48 14.35 2.24
CA GLY A 137 -1.65 15.14 3.15
C GLY A 137 -2.29 16.38 3.74
N GLN A 138 -3.59 16.54 3.54
CA GLN A 138 -4.33 17.69 4.05
C GLN A 138 -4.90 17.46 5.43
N GLY A 139 -4.93 16.21 5.88
CA GLY A 139 -5.36 15.85 7.22
C GLY A 139 -4.36 14.93 7.85
N PHE A 140 -4.44 14.80 9.17
CA PHE A 140 -3.60 13.89 9.94
C PHE A 140 -4.49 13.29 11.02
N MET A 141 -4.73 11.98 11.00
CA MET A 141 -5.63 11.37 11.97
C MET A 141 -4.78 10.65 13.01
N THR A 142 -5.06 10.87 14.30
CA THR A 142 -4.19 10.27 15.29
C THR A 142 -4.43 8.76 15.46
N ARG A 143 -3.34 8.07 15.79
CA ARG A 143 -3.34 6.66 16.12
C ARG A 143 -4.27 6.37 17.31
N GLU A 144 -4.21 7.23 18.33
CA GLU A 144 -5.04 7.09 19.52
C GLU A 144 -6.51 7.23 19.17
N PHE A 145 -6.84 8.20 18.31
CA PHE A 145 -8.22 8.37 17.89
C PHE A 145 -8.76 7.13 17.16
N LEU A 146 -7.98 6.59 16.22
CA LEU A 146 -8.41 5.41 15.51
C LEU A 146 -8.59 4.20 16.43
N LYS A 147 -7.71 4.06 17.42
CA LYS A 147 -7.80 2.95 18.36
C LYS A 147 -9.04 3.07 19.27
N SER A 148 -9.52 4.30 19.45
CA SER A 148 -10.68 4.59 20.33
C SER A 148 -12.03 4.20 19.73
N LEU A 149 -12.08 3.99 18.42
CA LEU A 149 -13.32 3.62 17.74
C LEU A 149 -13.80 2.26 18.23
N ARG A 150 -15.12 2.07 18.24
CA ARG A 150 -15.67 0.84 18.79
C ARG A 150 -15.28 -0.41 17.98
N LYS A 151 -15.26 -1.57 18.63
CA LYS A 151 -14.92 -2.82 17.94
C LYS A 151 -15.93 -3.15 16.85
N PRO A 152 -15.47 -3.77 15.74
CA PRO A 152 -14.08 -4.12 15.42
C PRO A 152 -13.30 -2.97 14.78
N PHE A 153 -13.94 -1.81 14.60
CA PHE A 153 -13.32 -0.73 13.81
C PHE A 153 -12.02 -0.21 14.39
N GLY A 154 -11.93 -0.16 15.71
CA GLY A 154 -10.74 0.29 16.39
C GLY A 154 -9.56 -0.68 16.27
N ASP A 155 -9.82 -1.88 15.73
CA ASP A 155 -8.77 -2.88 15.53
C ASP A 155 -8.13 -2.90 14.14
N PHE A 156 -8.67 -2.15 13.17
CA PHE A 156 -8.14 -2.23 11.79
C PHE A 156 -6.77 -1.62 11.62
N MET A 157 -6.57 -0.40 12.14
CA MET A 157 -5.38 0.35 11.80
C MET A 157 -4.17 0.00 12.69
N GLU A 158 -4.42 -0.37 13.93
CA GLU A 158 -3.33 -0.62 14.87
C GLU A 158 -2.24 -1.57 14.35
N PRO A 159 -2.60 -2.70 13.72
CA PRO A 159 -1.52 -3.58 13.24
C PRO A 159 -0.73 -2.96 12.08
N LYS A 160 -1.38 -2.07 11.35
CA LYS A 160 -0.72 -1.36 10.24
C LYS A 160 0.26 -0.35 10.84
N PHE A 161 -0.13 0.35 11.93
CA PHE A 161 0.84 1.20 12.63
C PHE A 161 2.03 0.42 13.19
N GLU A 162 1.73 -0.74 13.78
CA GLU A 162 2.82 -1.58 14.31
C GLU A 162 3.80 -1.98 13.21
N PHE A 163 3.27 -2.39 12.05
CA PHE A 163 4.11 -2.68 10.90
C PHE A 163 4.90 -1.47 10.47
N ALA A 164 4.22 -0.32 10.36
CA ALA A 164 4.87 0.85 9.85
C ALA A 164 6.04 1.35 10.69
N VAL A 165 5.90 1.31 12.01
CA VAL A 165 7.00 1.82 12.82
C VAL A 165 8.30 1.01 12.63
N LYS A 166 8.13 -0.30 12.54
CA LYS A 166 9.28 -1.18 12.27
C LYS A 166 9.79 -1.03 10.84
N PHE A 167 8.87 -0.90 9.89
CA PHE A 167 9.28 -0.78 8.50
C PHE A 167 9.97 0.54 8.25
N ASN A 168 9.42 1.64 8.80
CA ASN A 168 10.02 2.94 8.68
C ASN A 168 11.41 3.02 9.31
N ALA A 169 11.68 2.17 10.31
CA ALA A 169 13.03 2.15 10.89
C ALA A 169 14.14 1.68 9.92
N LEU A 170 13.74 1.05 8.80
CA LEU A 170 14.68 0.69 7.75
C LEU A 170 15.12 1.83 6.87
N GLU A 171 14.39 2.95 6.95
CA GLU A 171 14.79 4.21 6.28
C GLU A 171 14.84 4.06 4.75
N LEU A 172 13.89 3.32 4.18
CA LEU A 172 13.88 3.19 2.72
C LEU A 172 13.43 4.51 2.12
N ASP A 173 13.92 4.76 0.93
CA ASP A 173 13.45 5.92 0.17
C ASP A 173 12.58 5.49 -0.99
N ASP A 174 12.01 6.45 -1.71
CA ASP A 174 11.13 6.15 -2.85
C ASP A 174 11.80 5.30 -3.95
N SER A 175 13.09 5.49 -4.16
CA SER A 175 13.82 4.66 -5.14
C SER A 175 13.84 3.19 -4.71
N ASP A 176 14.06 2.96 -3.42
CA ASP A 176 14.02 1.60 -2.88
C ASP A 176 12.61 1.02 -2.95
N LEU A 177 11.62 1.82 -2.54
CA LEU A 177 10.24 1.34 -2.51
C LEU A 177 9.70 0.97 -3.88
N ALA A 178 10.09 1.72 -4.92
CA ALA A 178 9.58 1.44 -6.25
C ALA A 178 9.95 -0.01 -6.64
N ILE A 179 11.16 -0.47 -6.32
CA ILE A 179 11.56 -1.82 -6.69
C ILE A 179 10.88 -2.84 -5.76
N PHE A 180 10.87 -2.57 -4.45
CA PHE A 180 10.23 -3.47 -3.50
C PHE A 180 8.77 -3.75 -3.91
N ILE A 181 8.01 -2.69 -4.22
CA ILE A 181 6.61 -2.89 -4.64
C ILE A 181 6.51 -3.72 -5.92
N ALA A 182 7.42 -3.51 -6.88
CA ALA A 182 7.39 -4.29 -8.12
C ALA A 182 7.63 -5.79 -7.81
N VAL A 183 8.59 -6.08 -6.92
CA VAL A 183 8.85 -7.46 -6.51
C VAL A 183 7.58 -8.13 -5.96
N ILE A 184 6.88 -7.43 -5.07
CA ILE A 184 5.68 -7.99 -4.49
C ILE A 184 4.62 -8.26 -5.54
N ILE A 185 4.41 -7.35 -6.48
CA ILE A 185 3.38 -7.56 -7.52
C ILE A 185 3.66 -8.80 -8.32
N LEU A 186 4.93 -9.04 -8.63
CA LEU A 186 5.31 -10.16 -9.50
C LEU A 186 5.59 -11.44 -8.68
N SER A 187 4.63 -11.82 -7.87
CA SER A 187 4.79 -13.01 -7.02
C SER A 187 4.16 -14.21 -7.72
N GLY A 188 4.98 -15.20 -8.02
CA GLY A 188 4.52 -16.34 -8.79
C GLY A 188 3.73 -17.37 -8.01
N ASP A 189 3.56 -17.19 -6.70
CA ASP A 189 2.78 -18.15 -5.88
C ASP A 189 1.31 -17.78 -5.64
N ARG A 190 0.81 -16.74 -6.32
CA ARG A 190 -0.58 -16.34 -6.09
C ARG A 190 -1.55 -17.43 -6.59
N PRO A 191 -2.69 -17.61 -5.92
CA PRO A 191 -3.53 -18.74 -6.32
C PRO A 191 -4.11 -18.59 -7.71
N GLY A 192 -4.03 -19.64 -8.51
CA GLY A 192 -4.69 -19.70 -9.80
C GLY A 192 -3.95 -19.03 -10.97
N LEU A 193 -2.68 -18.71 -10.78
CA LEU A 193 -1.86 -18.24 -11.93
C LEU A 193 -1.73 -19.32 -12.99
N LEU A 194 -1.94 -18.93 -14.25
CA LEU A 194 -1.87 -19.88 -15.38
C LEU A 194 -0.47 -20.20 -15.88
N ASN A 195 0.39 -19.18 -15.86
CA ASN A 195 1.74 -19.35 -16.40
C ASN A 195 2.72 -18.70 -15.44
N VAL A 196 3.25 -19.49 -14.53
CA VAL A 196 4.09 -18.96 -13.43
C VAL A 196 5.49 -18.63 -13.88
N LYS A 197 6.05 -19.36 -14.85
CA LYS A 197 7.43 -19.14 -15.25
C LYS A 197 7.78 -17.70 -15.68
N PRO A 198 6.96 -17.08 -16.56
CA PRO A 198 7.36 -15.70 -16.95
C PRO A 198 7.28 -14.70 -15.82
N ILE A 199 6.39 -14.96 -14.86
CA ILE A 199 6.24 -14.12 -13.70
C ILE A 199 7.47 -14.25 -12.81
N GLU A 200 7.89 -15.50 -12.57
CA GLU A 200 9.10 -15.72 -11.80
C GLU A 200 10.34 -15.18 -12.49
N ASP A 201 10.39 -15.20 -13.81
CA ASP A 201 11.58 -14.68 -14.47
C ASP A 201 11.64 -13.16 -14.29
N ILE A 202 10.51 -12.45 -14.44
CA ILE A 202 10.49 -10.99 -14.19
C ILE A 202 10.85 -10.73 -12.73
N GLN A 203 10.25 -11.47 -11.81
CA GLN A 203 10.56 -11.23 -10.38
C GLN A 203 12.03 -11.48 -10.06
N ASP A 204 12.64 -12.53 -10.64
CA ASP A 204 14.08 -12.77 -10.36
C ASP A 204 14.91 -11.56 -10.76
N ASN A 205 14.61 -10.96 -11.92
CA ASN A 205 15.34 -9.80 -12.36
C ASN A 205 15.06 -8.59 -11.45
N LEU A 206 13.81 -8.40 -11.02
CA LEU A 206 13.51 -7.36 -10.05
C LEU A 206 14.21 -7.56 -8.72
N LEU A 207 14.34 -8.82 -8.26
CA LEU A 207 15.07 -9.09 -7.03
C LEU A 207 16.53 -8.78 -7.15
N GLN A 208 17.13 -9.09 -8.28
CA GLN A 208 18.53 -8.66 -8.53
C GLN A 208 18.65 -7.14 -8.51
N ALA A 209 17.68 -6.45 -9.12
CA ALA A 209 17.73 -4.98 -9.09
C ALA A 209 17.55 -4.45 -7.68
N LEU A 210 16.69 -5.08 -6.87
CA LEU A 210 16.51 -4.65 -5.48
C LEU A 210 17.76 -4.85 -4.68
N GLU A 211 18.41 -6.02 -4.83
CA GLU A 211 19.62 -6.29 -4.03
C GLU A 211 20.69 -5.23 -4.35
N LEU A 212 20.91 -4.93 -5.64
CA LEU A 212 21.95 -3.97 -6.00
C LEU A 212 21.55 -2.56 -5.49
N GLN A 213 20.29 -2.17 -5.64
CA GLN A 213 19.80 -0.89 -5.07
C GLN A 213 20.10 -0.75 -3.62
N LEU A 214 19.85 -1.80 -2.82
CA LEU A 214 20.09 -1.68 -1.40
C LEU A 214 21.57 -1.65 -1.04
N LYS A 215 22.37 -2.39 -1.78
CA LYS A 215 23.84 -2.39 -1.55
C LYS A 215 24.41 -1.01 -1.84
N LEU A 216 23.95 -0.38 -2.91
CA LEU A 216 24.48 0.95 -3.27
C LEU A 216 23.91 2.08 -2.43
N ASN A 217 22.60 2.04 -2.15
CA ASN A 217 21.92 3.17 -1.50
C ASN A 217 21.98 3.03 0.05
N HIS A 218 22.25 1.83 0.56
CA HIS A 218 22.34 1.54 2.03
C HIS A 218 23.54 0.65 2.35
N PRO A 219 24.75 1.13 2.00
CA PRO A 219 25.92 0.26 2.06
C PRO A 219 26.24 -0.22 3.50
N GLU A 220 25.83 0.55 4.48
CA GLU A 220 26.12 0.21 5.89
C GLU A 220 24.98 -0.55 6.58
N SER A 221 23.91 -0.85 5.84
CA SER A 221 22.72 -1.53 6.41
C SER A 221 22.85 -3.01 6.09
N SER A 222 23.45 -3.76 7.03
CA SER A 222 24.10 -5.04 6.68
C SER A 222 23.41 -6.07 5.74
N GLN A 223 22.25 -6.52 6.20
CA GLN A 223 21.36 -7.57 5.69
C GLN A 223 20.02 -6.93 5.38
N LEU A 224 20.05 -5.73 4.81
CA LEU A 224 18.77 -5.06 4.53
C LEU A 224 17.90 -5.84 3.51
N PHE A 225 18.52 -6.42 2.48
CA PHE A 225 17.79 -7.23 1.50
C PHE A 225 17.06 -8.39 2.18
N ALA A 226 17.76 -9.16 3.04
CA ALA A 226 17.08 -10.17 3.86
C ALA A 226 15.92 -9.67 4.68
N LYS A 227 16.09 -8.50 5.28
CA LYS A 227 15.03 -7.90 6.08
C LYS A 227 13.82 -7.58 5.20
N LEU A 228 14.07 -7.06 3.99
CA LEU A 228 12.90 -6.77 3.11
C LEU A 228 12.19 -8.03 2.67
N LEU A 229 12.93 -9.12 2.42
CA LEU A 229 12.29 -10.38 2.08
C LEU A 229 11.36 -10.79 3.23
N GLN A 230 11.79 -10.56 4.47
CA GLN A 230 10.92 -10.87 5.61
C GLN A 230 9.72 -9.98 5.70
N LYS A 231 9.88 -8.72 5.36
CA LYS A 231 8.70 -7.83 5.36
C LYS A 231 7.67 -8.26 4.34
N MET A 232 8.10 -8.88 3.24
CA MET A 232 7.14 -9.41 2.24
C MET A 232 6.28 -10.50 2.89
N THR A 233 6.89 -11.36 3.69
CA THR A 233 6.10 -12.34 4.46
C THR A 233 5.21 -11.70 5.53
N ASP A 234 5.73 -10.73 6.24
CA ASP A 234 4.92 -9.99 7.24
C ASP A 234 3.68 -9.39 6.61
N LEU A 235 3.82 -8.85 5.38
CA LEU A 235 2.68 -8.19 4.73
C LEU A 235 1.58 -9.19 4.47
N ARG A 236 1.92 -10.43 4.16
CA ARG A 236 0.90 -11.46 3.94
C ARG A 236 0.14 -11.74 5.21
N GLN A 237 0.82 -11.68 6.35
CA GLN A 237 0.11 -11.89 7.62
C GLN A 237 -0.82 -10.73 7.95
N ILE A 238 -0.39 -9.51 7.65
CA ILE A 238 -1.23 -8.33 7.85
C ILE A 238 -2.51 -8.47 7.03
N VAL A 239 -2.36 -8.94 5.78
CA VAL A 239 -3.55 -9.12 4.95
C VAL A 239 -4.46 -10.19 5.54
N THR A 240 -3.89 -11.30 5.99
CA THR A 240 -4.72 -12.37 6.59
C THR A 240 -5.53 -11.86 7.77
N GLU A 241 -4.89 -11.08 8.63
CA GLU A 241 -5.55 -10.54 9.84
C GLU A 241 -6.63 -9.55 9.42
N HIS A 242 -6.34 -8.72 8.42
CA HIS A 242 -7.31 -7.76 7.92
C HIS A 242 -8.56 -8.43 7.38
N VAL A 243 -8.38 -9.50 6.61
CA VAL A 243 -9.51 -10.25 6.03
C VAL A 243 -10.36 -10.84 7.16
N GLN A 244 -9.72 -11.28 8.23
CA GLN A 244 -10.48 -11.81 9.38
C GLN A 244 -11.34 -10.73 9.99
N LEU A 245 -10.83 -9.51 10.10
CA LEU A 245 -11.65 -8.41 10.61
C LEU A 245 -12.80 -8.02 9.67
N LEU A 246 -12.53 -8.02 8.38
CA LEU A 246 -13.59 -7.83 7.39
C LEU A 246 -14.68 -8.89 7.54
N GLN A 247 -14.30 -10.13 7.84
CA GLN A 247 -15.29 -11.20 8.07
C GLN A 247 -16.17 -10.91 9.30
N VAL A 248 -15.59 -10.33 10.35
CA VAL A 248 -16.35 -9.93 11.56
C VAL A 248 -17.40 -8.88 11.20
N ILE A 249 -17.01 -7.89 10.40
CA ILE A 249 -17.93 -6.87 9.87
C ILE A 249 -19.07 -7.46 9.06
N LYS A 250 -18.75 -8.43 8.19
CA LYS A 250 -19.75 -9.07 7.33
C LYS A 250 -20.78 -9.82 8.17
N LYS A 251 -20.33 -10.51 9.21
CA LYS A 251 -21.19 -11.34 10.05
C LYS A 251 -22.09 -10.48 10.93
N THR A 252 -21.50 -9.49 11.60
CA THR A 252 -22.26 -8.45 12.28
C THR A 252 -22.59 -7.33 11.27
N GLU A 253 -22.60 -6.07 11.70
CA GLU A 253 -22.91 -4.90 10.86
C GLU A 253 -23.74 -5.16 9.59
N THR A 254 -25.06 -5.11 9.74
CA THR A 254 -26.01 -5.33 8.63
C THR A 254 -25.95 -4.21 7.60
N ASP A 255 -25.69 -3.00 8.10
CA ASP A 255 -25.65 -1.76 7.35
C ASP A 255 -24.76 -1.80 6.09
N MET A 256 -23.61 -2.43 6.22
CA MET A 256 -22.47 -2.18 5.34
C MET A 256 -22.25 -3.19 4.23
N SER A 257 -21.59 -2.71 3.17
CA SER A 257 -21.13 -3.53 2.07
C SER A 257 -19.92 -2.83 1.46
N LEU A 258 -19.12 -3.57 0.72
CA LEU A 258 -17.92 -3.00 0.16
C LEU A 258 -18.18 -2.38 -1.23
N HIS A 259 -17.37 -1.37 -1.54
CA HIS A 259 -17.31 -0.83 -2.89
C HIS A 259 -17.12 -1.97 -3.89
N PRO A 260 -17.73 -1.88 -5.09
CA PRO A 260 -17.64 -2.97 -6.06
C PRO A 260 -16.23 -3.43 -6.43
N LEU A 261 -15.27 -2.50 -6.51
CA LEU A 261 -13.90 -2.89 -6.80
C LEU A 261 -13.31 -3.71 -5.66
N LEU A 262 -13.62 -3.35 -4.40
CA LEU A 262 -13.18 -4.18 -3.27
C LEU A 262 -13.91 -5.50 -3.18
N GLN A 263 -15.18 -5.53 -3.61
CA GLN A 263 -15.92 -6.80 -3.64
C GLN A 263 -15.19 -7.78 -4.56
N GLU A 264 -14.70 -7.29 -5.71
CA GLU A 264 -13.96 -8.16 -6.62
C GLU A 264 -12.69 -8.69 -5.97
N ILE A 265 -11.93 -7.77 -5.36
CA ILE A 265 -10.67 -8.15 -4.77
C ILE A 265 -10.87 -9.15 -3.65
N TYR A 266 -11.93 -9.01 -2.87
CA TYR A 266 -12.14 -9.90 -1.74
C TYR A 266 -12.98 -11.14 -2.09
N LYS A 267 -13.40 -11.27 -3.35
CA LYS A 267 -14.27 -12.39 -3.75
C LYS A 267 -13.48 -13.65 -3.47
N ASP A 268 -14.04 -14.52 -2.64
CA ASP A 268 -13.30 -15.64 -1.99
C ASP A 268 -11.95 -15.23 -1.35
N LEU A 269 -10.92 -15.07 -2.19
CA LEU A 269 -9.59 -14.53 -1.82
C LEU A 269 -9.09 -14.92 -0.43
N SER B 1 -13.98 -8.35 -12.84
CA SER B 1 -14.10 -7.78 -14.19
C SER B 1 -13.70 -6.32 -14.22
N LEU B 2 -13.82 -5.65 -13.06
CA LEU B 2 -13.34 -4.27 -12.93
C LEU B 2 -11.81 -4.16 -13.00
N LEU B 3 -11.11 -5.13 -12.41
CA LEU B 3 -9.64 -5.11 -12.54
C LEU B 3 -9.23 -5.23 -13.99
N LYS B 4 -9.91 -6.11 -14.74
CA LYS B 4 -9.60 -6.27 -16.16
C LYS B 4 -9.82 -4.95 -16.92
N LYS B 5 -10.91 -4.25 -16.60
CA LYS B 5 -11.15 -2.98 -17.26
C LYS B 5 -10.03 -1.96 -16.96
N LEU B 6 -9.59 -1.88 -15.70
CA LEU B 6 -8.51 -0.98 -15.36
C LEU B 6 -7.20 -1.35 -16.09
N LEU B 7 -6.94 -2.66 -16.21
CA LEU B 7 -5.74 -3.12 -16.88
C LEU B 7 -5.71 -2.80 -18.35
N LEU B 8 -6.88 -2.73 -19.00
CA LEU B 8 -6.95 -2.57 -20.46
C LEU B 8 -6.93 -1.11 -20.90
N ALA B 9 -7.18 -0.19 -19.97
CA ALA B 9 -7.23 1.24 -20.30
C ALA B 9 -5.87 1.80 -20.71
C1 DKA C . -9.99 -2.35 2.35
O1 DKA C . -9.72 -3.49 2.74
C2 DKA C . -10.79 -1.37 3.20
C3 DKA C . -10.23 -1.28 4.62
C4 DKA C . -10.50 0.04 5.34
C5 DKA C . -10.42 -0.11 6.85
C6 DKA C . -10.90 1.15 7.57
C7 DKA C . -10.49 1.12 9.03
C8 DKA C . -10.69 2.47 9.72
C9 DKA C . -11.56 2.33 10.96
C10 DKA C . -12.97 2.83 10.72
O2 DKA C . -9.52 -2.03 1.14
#